data_1ZRK
#
_entry.id   1ZRK
#
_cell.length_a   120.899
_cell.length_b   120.899
_cell.length_c   120.899
_cell.angle_alpha   90.00
_cell.angle_beta   90.00
_cell.angle_gamma   90.00
#
_symmetry.space_group_name_H-M   'I 2 3'
#
loop_
_entity.id
_entity.type
_entity.pdbx_description
1 polymer 'Coagulation factor XI'
2 non-polymer 'SULFATE ION'
3 non-polymer '3-HYDROXYPROPYL 3-[({7-[AMINO(IMINO)METHYL]-1-NAPHTHYL}AMINO)CARBONYL]BENZENESULFONATE'
4 water water
#
_entity_poly.entity_id   1
_entity_poly.type   'polypeptide(L)'
_entity_poly.pdbx_seq_one_letter_code
;IVGGTASVRGEWPWQVTLHTTSPTQRHLCGGSIIGNQWILTAAHCFYGVESPKILRVYSGILNQSEIAEDTSFFGVQEII
IHDQYKMAESGYDIALLKLETTVNYTDSQRPISLPSKGDRNVIYTDCWVTGWGYRKLRDKIQNTLQKAKIPLVTNEECQK
RYRGHKITHKMICAGYREGGKDACKGDSGGPLSCKHNEVWHLVGITSWGEGCAQRERPGVYTNVVEYVDWILEKTQAV
;
_entity_poly.pdbx_strand_id   A
#
loop_
_chem_comp.id
_chem_comp.type
_chem_comp.name
_chem_comp.formula
367 non-polymer '3-HYDROXYPROPYL 3-[({7-[AMINO(IMINO)METHYL]-1-NAPHTHYL}AMINO)CARBONYL]BENZENESULFONATE' 'C21 H21 N3 O5 S'
SO4 non-polymer 'SULFATE ION' 'O4 S -2'
#
# COMPACT_ATOMS: atom_id res chain seq x y z
N ILE A 1 -0.40 -9.53 6.12
CA ILE A 1 0.33 -10.33 5.09
C ILE A 1 0.28 -11.81 5.44
N VAL A 2 -0.08 -12.65 4.47
CA VAL A 2 -0.15 -14.10 4.69
C VAL A 2 1.05 -14.82 4.08
N GLY A 3 1.60 -15.77 4.85
CA GLY A 3 2.73 -16.56 4.40
C GLY A 3 4.02 -15.78 4.26
N GLY A 4 4.15 -14.68 4.99
CA GLY A 4 5.36 -13.87 4.91
C GLY A 4 6.24 -14.03 6.13
N THR A 5 7.27 -13.20 6.23
CA THR A 5 8.19 -13.26 7.36
C THR A 5 8.44 -11.88 7.90
N ALA A 6 9.16 -11.80 9.03
CA ALA A 6 9.47 -10.52 9.64
C ALA A 6 10.46 -9.75 8.79
N SER A 7 10.22 -8.46 8.60
CA SER A 7 11.11 -7.62 7.82
C SER A 7 12.28 -7.21 8.69
N VAL A 8 13.37 -6.82 8.03
CA VAL A 8 14.56 -6.34 8.74
C VAL A 8 14.26 -4.86 8.92
N ARG A 9 14.71 -4.28 10.02
CA ARG A 9 14.48 -2.87 10.27
C ARG A 9 15.13 -2.03 9.16
N GLY A 10 14.38 -1.06 8.63
CA GLY A 10 14.92 -0.20 7.58
C GLY A 10 14.86 -0.80 6.19
N GLU A 11 14.43 -2.05 6.10
CA GLU A 11 14.32 -2.76 4.84
C GLU A 11 13.32 -2.13 3.86
N TRP A 12 12.28 -1.48 4.41
CA TRP A 12 11.27 -0.84 3.58
C TRP A 12 11.05 0.58 4.10
N PRO A 13 12.09 1.42 4.02
CA PRO A 13 12.04 2.81 4.49
C PRO A 13 10.93 3.71 3.97
N TRP A 14 10.21 3.28 2.93
CA TRP A 14 9.11 4.10 2.40
C TRP A 14 7.76 3.70 3.00
N GLN A 15 7.74 2.59 3.72
CA GLN A 15 6.51 2.11 4.34
C GLN A 15 6.14 2.90 5.57
N VAL A 16 4.86 3.25 5.68
CA VAL A 16 4.39 3.96 6.85
C VAL A 16 3.14 3.26 7.35
N THR A 17 2.83 3.48 8.62
CA THR A 17 1.64 2.93 9.22
C THR A 17 0.73 4.11 9.52
N LEU A 18 -0.45 4.10 8.91
CA LEU A 18 -1.40 5.18 9.09
C LEU A 18 -2.38 4.82 10.20
N HIS A 19 -2.38 5.62 11.26
CA HIS A 19 -3.27 5.38 12.39
C HIS A 19 -4.45 6.35 12.44
N THR A 20 -5.50 5.91 13.13
CA THR A 20 -6.65 6.76 13.36
C THR A 20 -6.69 6.83 14.88
N THR A 21 -7.09 7.96 15.43
CA THR A 21 -7.13 8.08 16.88
C THR A 21 -8.54 7.89 17.40
N SER A 22 -9.47 7.60 16.48
CA SER A 22 -10.88 7.43 16.82
C SER A 22 -11.41 6.01 16.66
N PRO A 23 -12.06 5.46 17.71
CA PRO A 23 -12.30 6.11 19.01
C PRO A 23 -11.02 6.17 19.85
N THR A 24 -10.18 5.15 19.73
CA THR A 24 -8.90 5.08 20.42
C THR A 24 -7.88 4.77 19.33
N GLN A 25 -6.63 5.15 19.53
CA GLN A 25 -5.64 4.96 18.49
C GLN A 25 -5.35 3.53 18.07
N ARG A 26 -5.34 3.33 16.76
CA ARG A 26 -5.06 2.02 16.17
C ARG A 26 -4.55 2.17 14.74
N HIS A 27 -3.88 1.13 14.26
CA HIS A 27 -3.37 1.11 12.90
C HIS A 27 -4.61 1.06 12.01
N LEU A 28 -4.60 1.81 10.91
CA LEU A 28 -5.73 1.85 10.00
C LEU A 28 -5.36 1.28 8.63
N CYS A 29 -4.21 1.69 8.13
CA CYS A 29 -3.78 1.24 6.80
C CYS A 29 -2.28 1.44 6.59
N GLY A 30 -1.77 0.87 5.50
CA GLY A 30 -0.38 1.04 5.15
C GLY A 30 -0.29 2.25 4.23
N GLY A 31 0.94 2.62 3.87
CA GLY A 31 1.14 3.76 2.99
C GLY A 31 2.58 3.85 2.51
N SER A 32 2.82 4.70 1.53
CA SER A 32 4.15 4.86 0.96
C SER A 32 4.60 6.31 0.87
N ILE A 33 5.82 6.57 1.32
CA ILE A 33 6.37 7.91 1.24
C ILE A 33 6.81 8.08 -0.21
N ILE A 34 6.28 9.09 -0.90
CA ILE A 34 6.70 9.32 -2.29
C ILE A 34 7.30 10.70 -2.48
N GLY A 35 7.15 11.55 -1.46
CA GLY A 35 7.67 12.91 -1.47
C GLY A 35 7.83 13.41 -0.04
N ASN A 36 8.50 14.55 0.12
CA ASN A 36 8.75 15.12 1.45
C ASN A 36 7.52 15.32 2.33
N GLN A 37 6.37 15.58 1.72
CA GLN A 37 5.15 15.72 2.53
C GLN A 37 3.98 14.99 1.87
N TRP A 38 4.31 13.88 1.19
CA TRP A 38 3.30 13.09 0.49
C TRP A 38 3.34 11.58 0.72
N ILE A 39 2.18 11.05 1.08
CA ILE A 39 2.03 9.63 1.30
C ILE A 39 1.05 9.09 0.28
N LEU A 40 1.40 8.01 -0.40
CA LEU A 40 0.49 7.44 -1.37
C LEU A 40 -0.16 6.23 -0.69
N THR A 41 -1.48 6.20 -0.69
CA THR A 41 -2.21 5.11 -0.05
C THR A 41 -3.50 4.77 -0.79
N ALA A 42 -4.36 3.95 -0.18
CA ALA A 42 -5.61 3.55 -0.81
C ALA A 42 -6.78 4.44 -0.38
N ALA A 43 -7.64 4.77 -1.35
CA ALA A 43 -8.81 5.60 -1.09
C ALA A 43 -9.81 4.95 -0.14
N HIS A 44 -10.06 3.65 -0.30
CA HIS A 44 -11.02 2.98 0.57
C HIS A 44 -10.62 3.01 2.03
N CYS A 45 -9.37 3.34 2.32
CA CYS A 45 -8.89 3.41 3.70
C CYS A 45 -9.57 4.53 4.49
N PHE A 46 -10.22 5.46 3.78
CA PHE A 46 -10.81 6.57 4.53
C PHE A 46 -12.36 6.52 4.64
N TYR A 47 -12.92 5.32 4.53
CA TYR A 47 -14.33 5.13 4.73
C TYR A 47 -14.67 5.60 6.14
N GLY A 48 -15.66 6.47 6.26
CA GLY A 48 -16.07 6.97 7.55
C GLY A 48 -15.17 8.04 8.16
N VAL A 49 -14.03 8.34 7.53
CA VAL A 49 -13.12 9.35 8.04
C VAL A 49 -13.58 10.72 7.55
N GLU A 50 -14.14 11.51 8.47
CA GLU A 50 -14.64 12.84 8.14
C GLU A 50 -13.61 13.94 8.17
N SER A 51 -12.57 13.76 8.97
CA SER A 51 -11.54 14.76 9.09
C SER A 51 -10.14 14.19 9.14
N PRO A 52 -9.16 14.92 8.60
CA PRO A 52 -7.75 14.54 8.55
C PRO A 52 -7.14 14.63 9.96
N LYS A 53 -7.84 15.30 10.85
CA LYS A 53 -7.37 15.51 12.22
C LYS A 53 -7.26 14.28 13.09
N ILE A 54 -7.94 13.20 12.72
CA ILE A 54 -7.88 11.97 13.54
C ILE A 54 -6.81 11.05 12.98
N LEU A 55 -6.11 11.51 11.96
CA LEU A 55 -5.07 10.71 11.34
C LEU A 55 -3.67 11.03 11.87
N ARG A 56 -2.83 10.00 11.90
CA ARG A 56 -1.46 10.13 12.33
C ARG A 56 -0.62 9.19 11.47
N VAL A 57 0.47 9.71 10.91
CA VAL A 57 1.33 8.90 10.08
C VAL A 57 2.67 8.67 10.77
N TYR A 58 3.04 7.40 10.93
CA TYR A 58 4.29 7.04 11.56
C TYR A 58 5.24 6.42 10.53
N SER A 59 6.44 6.98 10.46
CA SER A 59 7.47 6.51 9.55
C SER A 59 8.61 5.87 10.33
N GLY A 60 9.44 5.11 9.64
CA GLY A 60 10.56 4.46 10.30
C GLY A 60 10.15 3.46 11.36
N ILE A 61 8.99 2.84 11.20
CA ILE A 61 8.47 1.87 12.16
C ILE A 61 8.61 0.42 11.72
N LEU A 62 9.13 -0.43 12.62
CA LEU A 62 9.23 -1.85 12.31
C LEU A 62 8.13 -2.56 13.10
N ASN A 63 8.09 -2.31 14.40
CA ASN A 63 7.10 -2.90 15.29
C ASN A 63 6.09 -1.86 15.79
N GLN A 64 4.82 -2.21 15.77
CA GLN A 64 3.76 -1.31 16.25
C GLN A 64 3.99 -0.98 17.72
N SER A 65 4.67 -1.87 18.41
CA SER A 65 4.98 -1.70 19.82
C SER A 65 5.83 -0.44 20.03
N GLU A 66 6.55 -0.03 18.99
CA GLU A 66 7.39 1.17 19.02
C GLU A 66 6.56 2.43 19.15
N ILE A 67 5.31 2.37 18.70
CA ILE A 67 4.43 3.52 18.75
C ILE A 67 3.73 3.62 20.11
N ALA A 68 4.01 4.71 20.82
CA ALA A 68 3.44 4.98 22.13
C ALA A 68 2.96 6.42 22.14
N GLU A 69 2.40 6.87 23.26
CA GLU A 69 1.91 8.24 23.33
C GLU A 69 3.01 9.28 23.15
N ASP A 70 4.26 8.91 23.47
CA ASP A 70 5.38 9.84 23.33
C ASP A 70 6.15 9.70 22.03
N THR A 71 5.56 9.04 21.05
CA THR A 71 6.23 8.85 19.77
C THR A 71 5.80 9.98 18.82
N SER A 72 6.75 10.59 18.14
CA SER A 72 6.43 11.67 17.21
C SER A 72 5.78 11.09 15.96
N PHE A 73 4.91 11.88 15.35
CA PHE A 73 4.19 11.47 14.16
C PHE A 73 3.95 12.66 13.24
N PHE A 74 3.46 12.38 12.04
CA PHE A 74 3.18 13.42 11.09
C PHE A 74 1.68 13.64 11.03
N GLY A 75 1.26 14.88 11.19
CA GLY A 75 -0.15 15.16 11.11
C GLY A 75 -0.53 15.20 9.64
N VAL A 76 -1.81 15.00 9.34
CA VAL A 76 -2.28 15.03 7.97
C VAL A 76 -3.05 16.32 7.75
N GLN A 77 -2.57 17.11 6.81
CA GLN A 77 -3.17 18.39 6.48
C GLN A 77 -4.34 18.25 5.52
N GLU A 78 -4.24 17.26 4.63
CA GLU A 78 -5.28 17.05 3.63
C GLU A 78 -5.31 15.64 3.07
N ILE A 79 -6.52 15.14 2.88
CA ILE A 79 -6.74 13.83 2.30
C ILE A 79 -7.23 14.11 0.89
N ILE A 80 -6.52 13.58 -0.12
CA ILE A 80 -6.93 13.79 -1.50
C ILE A 80 -7.30 12.46 -2.12
N ILE A 81 -8.59 12.25 -2.33
CA ILE A 81 -9.11 11.02 -2.92
C ILE A 81 -9.47 11.22 -4.39
N HIS A 82 -9.06 10.29 -5.25
CA HIS A 82 -9.34 10.36 -6.67
C HIS A 82 -10.83 10.59 -6.86
N ASP A 83 -11.20 11.53 -7.72
CA ASP A 83 -12.60 11.85 -7.92
C ASP A 83 -13.44 10.80 -8.63
N GLN A 84 -12.80 9.78 -9.21
CA GLN A 84 -13.56 8.72 -9.87
C GLN A 84 -13.70 7.49 -8.96
N TYR A 85 -13.10 7.58 -7.77
CA TYR A 85 -13.18 6.43 -6.88
C TYR A 85 -14.54 6.32 -6.17
N LYS A 86 -15.02 5.09 -6.12
CA LYS A 86 -16.29 4.75 -5.50
C LYS A 86 -16.03 3.63 -4.52
N MET A 87 -15.25 2.63 -4.95
CA MET A 87 -14.91 1.52 -4.08
C MET A 87 -13.76 0.68 -4.64
N ALA A 88 -13.01 0.08 -3.73
CA ALA A 88 -11.85 -0.72 -4.07
C ALA A 88 -11.98 -1.56 -5.33
N GLU A 89 -12.97 -2.44 -5.37
CA GLU A 89 -13.18 -3.35 -6.49
C GLU A 89 -13.55 -2.71 -7.82
N SER A 90 -13.84 -1.41 -7.81
CA SER A 90 -14.16 -0.70 -9.06
C SER A 90 -12.96 0.03 -9.65
N GLY A 91 -11.86 0.07 -8.91
CA GLY A 91 -10.66 0.75 -9.38
C GLY A 91 -10.53 2.13 -8.76
N TYR A 92 -9.56 2.91 -9.25
CA TYR A 92 -9.33 4.26 -8.73
C TYR A 92 -9.12 4.29 -7.22
N ASP A 93 -8.68 3.16 -6.67
CA ASP A 93 -8.45 3.06 -5.24
C ASP A 93 -7.08 3.64 -4.90
N ILE A 94 -7.00 4.96 -4.92
CA ILE A 94 -5.76 5.66 -4.66
C ILE A 94 -6.04 7.00 -3.98
N ALA A 95 -5.16 7.39 -3.08
CA ALA A 95 -5.34 8.63 -2.35
C ALA A 95 -3.99 9.21 -1.92
N LEU A 96 -3.95 10.54 -1.80
CA LEU A 96 -2.73 11.21 -1.39
C LEU A 96 -2.93 11.82 -0.02
N LEU A 97 -1.87 11.79 0.79
CA LEU A 97 -1.93 12.40 2.12
C LEU A 97 -0.89 13.50 2.16
N LYS A 98 -1.34 14.74 2.32
CA LYS A 98 -0.44 15.87 2.41
C LYS A 98 -0.20 16.08 3.90
N LEU A 99 1.05 15.90 4.31
CA LEU A 99 1.43 16.04 5.71
C LEU A 99 1.58 17.49 6.12
N GLU A 100 1.33 17.77 7.40
CA GLU A 100 1.44 19.13 7.92
C GLU A 100 2.89 19.61 7.97
N THR A 101 3.81 18.65 8.07
CA THR A 101 5.24 18.96 8.10
C THR A 101 5.96 18.01 7.16
N THR A 102 7.18 18.35 6.77
CA THR A 102 7.92 17.49 5.85
C THR A 102 8.73 16.40 6.55
N VAL A 103 8.99 15.33 5.82
CA VAL A 103 9.76 14.21 6.35
C VAL A 103 11.23 14.46 6.09
N ASN A 104 12.05 14.29 7.13
CA ASN A 104 13.48 14.43 6.99
C ASN A 104 13.96 13.04 6.58
N TYR A 105 14.41 12.91 5.34
CA TYR A 105 14.89 11.62 4.86
C TYR A 105 16.10 11.13 5.64
N THR A 106 16.23 9.82 5.72
CA THR A 106 17.32 9.20 6.44
C THR A 106 17.25 7.71 6.16
N ASP A 107 18.26 6.95 6.58
CA ASP A 107 18.25 5.52 6.32
C ASP A 107 16.96 4.81 6.75
N SER A 108 16.30 5.33 7.78
CA SER A 108 15.06 4.71 8.28
C SER A 108 13.78 5.20 7.60
N GLN A 109 13.88 6.30 6.87
CA GLN A 109 12.72 6.85 6.18
C GLN A 109 13.09 7.63 4.94
N ARG A 110 12.72 7.09 3.78
CA ARG A 110 13.00 7.73 2.51
C ARG A 110 11.93 7.32 1.50
N PRO A 111 11.77 8.10 0.42
CA PRO A 111 10.77 7.85 -0.62
C PRO A 111 11.06 6.73 -1.61
N ILE A 112 10.01 6.16 -2.17
CA ILE A 112 10.18 5.12 -3.16
C ILE A 112 9.84 5.80 -4.50
N SER A 113 10.61 5.48 -5.54
CA SER A 113 10.38 6.07 -6.85
C SER A 113 9.09 5.56 -7.48
N LEU A 114 8.37 6.47 -8.12
CA LEU A 114 7.14 6.08 -8.81
C LEU A 114 7.59 5.36 -10.06
N PRO A 115 6.74 4.46 -10.61
CA PRO A 115 7.14 3.75 -11.82
C PRO A 115 7.13 4.70 -13.01
N SER A 116 7.84 4.34 -14.07
CA SER A 116 7.88 5.17 -15.25
C SER A 116 6.96 4.56 -16.32
N LYS A 117 6.33 5.41 -17.14
CA LYS A 117 5.46 4.90 -18.19
C LYS A 117 6.30 4.08 -19.17
N GLY A 118 7.60 4.35 -19.20
CA GLY A 118 8.47 3.62 -20.10
C GLY A 118 8.74 2.21 -19.62
N ASP A 119 8.31 1.93 -18.40
CA ASP A 119 8.54 0.62 -17.78
C ASP A 119 7.32 -0.29 -17.81
N ARG A 120 6.20 0.21 -18.31
CA ARG A 120 5.01 -0.62 -18.39
C ARG A 120 5.37 -1.96 -19.03
N ASN A 121 6.39 -1.95 -19.90
CA ASN A 121 6.79 -3.17 -20.60
C ASN A 121 7.77 -4.02 -19.84
N VAL A 122 8.60 -3.42 -19.01
CA VAL A 122 9.57 -4.21 -18.26
C VAL A 122 8.81 -5.24 -17.44
N ILE A 123 9.45 -6.39 -17.24
CA ILE A 123 8.84 -7.46 -16.46
C ILE A 123 9.58 -7.55 -15.14
N TYR A 124 8.82 -7.39 -14.06
CA TYR A 124 9.37 -7.49 -12.72
C TYR A 124 9.29 -8.92 -12.20
N THR A 125 10.40 -9.44 -11.70
CA THR A 125 10.44 -10.78 -11.18
C THR A 125 10.81 -10.72 -9.70
N ASP A 126 10.97 -9.50 -9.19
CA ASP A 126 11.34 -9.31 -7.79
C ASP A 126 10.42 -8.30 -7.11
N CYS A 127 9.20 -8.73 -6.86
CA CYS A 127 8.19 -7.88 -6.23
C CYS A 127 7.80 -8.39 -4.84
N TRP A 128 7.65 -7.46 -3.90
CA TRP A 128 7.29 -7.79 -2.53
C TRP A 128 6.14 -6.94 -2.01
N VAL A 129 5.30 -7.54 -1.18
CA VAL A 129 4.17 -6.84 -0.56
C VAL A 129 4.44 -6.80 0.94
N THR A 130 4.23 -5.64 1.56
CA THR A 130 4.50 -5.50 2.98
C THR A 130 3.36 -4.88 3.78
N GLY A 131 3.38 -5.09 5.09
CA GLY A 131 2.34 -4.55 5.94
C GLY A 131 2.20 -5.22 7.29
N TRP A 132 1.39 -4.62 8.14
CA TRP A 132 1.12 -5.13 9.49
C TRP A 132 -0.27 -5.77 9.50
N GLY A 133 -0.76 -6.14 8.32
CA GLY A 133 -2.07 -6.73 8.23
C GLY A 133 -2.23 -8.18 8.70
N TYR A 134 -3.45 -8.69 8.57
CA TYR A 134 -3.81 -10.05 8.95
C TYR A 134 -2.94 -11.12 8.29
N ARG A 135 -2.68 -12.20 9.04
CA ARG A 135 -1.89 -13.31 8.56
C ARG A 135 -2.87 -14.45 8.26
N LYS A 136 -4.11 -14.24 8.69
CA LYS A 136 -5.20 -15.18 8.48
C LYS A 136 -6.44 -14.32 8.17
N LEU A 137 -7.49 -14.96 7.68
CA LEU A 137 -8.73 -14.27 7.35
C LEU A 137 -9.40 -13.61 8.56
N ARG A 138 -9.44 -14.30 9.69
CA ARG A 138 -10.03 -13.74 10.91
C ARG A 138 -8.89 -13.62 11.92
N ASP A 139 -8.02 -12.64 11.71
CA ASP A 139 -6.86 -12.42 12.56
C ASP A 139 -6.91 -11.01 13.13
N LYS A 140 -5.73 -10.47 13.44
CA LYS A 140 -5.65 -9.12 14.00
C LYS A 140 -4.40 -8.43 13.45
N ILE A 141 -4.28 -7.13 13.68
CA ILE A 141 -3.13 -6.38 13.22
C ILE A 141 -1.85 -6.95 13.86
N GLN A 142 -0.85 -7.23 13.04
CA GLN A 142 0.41 -7.78 13.52
C GLN A 142 1.37 -6.69 14.03
N ASN A 143 2.20 -7.08 15.00
CA ASN A 143 3.16 -6.16 15.60
C ASN A 143 4.36 -5.85 14.70
N THR A 144 5.01 -6.91 14.22
CA THR A 144 6.19 -6.77 13.36
C THR A 144 5.81 -6.70 11.89
N LEU A 145 6.36 -5.73 11.16
CA LEU A 145 6.07 -5.56 9.74
C LEU A 145 6.43 -6.83 8.94
N GLN A 146 5.48 -7.34 8.17
CA GLN A 146 5.70 -8.56 7.39
C GLN A 146 5.96 -8.28 5.91
N LYS A 147 6.69 -9.18 5.27
CA LYS A 147 6.99 -9.06 3.85
C LYS A 147 6.79 -10.42 3.21
N ALA A 148 6.43 -10.43 1.94
CA ALA A 148 6.23 -11.67 1.20
C ALA A 148 6.54 -11.42 -0.28
N LYS A 149 7.33 -12.29 -0.87
CA LYS A 149 7.68 -12.14 -2.27
C LYS A 149 6.55 -12.74 -3.09
N ILE A 150 6.04 -11.99 -4.06
CA ILE A 150 4.95 -12.50 -4.87
C ILE A 150 5.08 -12.15 -6.33
N PRO A 151 4.84 -13.14 -7.21
CA PRO A 151 4.95 -12.89 -8.65
C PRO A 151 3.76 -12.15 -9.22
N LEU A 152 4.02 -11.31 -10.22
CA LEU A 152 2.97 -10.57 -10.88
C LEU A 152 2.32 -11.51 -11.86
N VAL A 153 1.02 -11.31 -12.12
CA VAL A 153 0.29 -12.14 -13.08
C VAL A 153 -0.30 -11.18 -14.10
N THR A 154 -0.47 -11.64 -15.33
CA THR A 154 -1.02 -10.81 -16.38
C THR A 154 -2.46 -10.49 -16.06
N ASN A 155 -2.98 -9.41 -16.62
CA ASN A 155 -4.36 -9.04 -16.38
C ASN A 155 -5.31 -10.04 -17.04
N GLU A 156 -4.87 -10.69 -18.11
CA GLU A 156 -5.70 -11.68 -18.76
C GLU A 156 -5.91 -12.81 -17.76
N GLU A 157 -4.82 -13.24 -17.13
CA GLU A 157 -4.89 -14.31 -16.15
C GLU A 157 -5.69 -13.88 -14.91
N CYS A 158 -5.46 -12.67 -14.44
CA CYS A 158 -6.19 -12.20 -13.26
C CYS A 158 -7.70 -12.20 -13.52
N GLN A 159 -8.09 -11.72 -14.69
CA GLN A 159 -9.50 -11.67 -15.07
C GLN A 159 -10.14 -13.05 -15.04
N LYS A 160 -9.36 -14.08 -15.35
CA LYS A 160 -9.88 -15.44 -15.34
C LYS A 160 -10.19 -15.89 -13.93
N ARG A 161 -9.56 -15.27 -12.94
CA ARG A 161 -9.78 -15.63 -11.53
C ARG A 161 -10.88 -14.81 -10.88
N TYR A 162 -11.31 -13.75 -11.55
CA TYR A 162 -12.35 -12.88 -11.03
C TYR A 162 -13.44 -12.64 -12.08
N ARG A 163 -14.16 -13.71 -12.45
CA ARG A 163 -15.18 -13.61 -13.48
C ARG A 163 -16.35 -12.70 -13.15
N GLY A 164 -16.55 -12.42 -11.87
CA GLY A 164 -17.64 -11.52 -11.50
C GLY A 164 -17.20 -10.06 -11.47
N HIS A 165 -15.91 -9.83 -11.70
CA HIS A 165 -15.37 -8.47 -11.69
C HIS A 165 -14.80 -8.06 -13.02
N LYS A 166 -14.48 -6.78 -13.12
CA LYS A 166 -13.87 -6.25 -14.32
C LYS A 166 -12.47 -5.80 -13.93
N ILE A 167 -11.47 -6.61 -14.28
CA ILE A 167 -10.09 -6.25 -13.96
C ILE A 167 -9.58 -5.33 -15.08
N THR A 168 -9.51 -4.04 -14.80
CA THR A 168 -9.08 -3.06 -15.80
C THR A 168 -7.57 -2.90 -15.84
N HIS A 169 -7.07 -2.18 -16.84
CA HIS A 169 -5.64 -1.97 -16.97
C HIS A 169 -5.10 -1.04 -15.87
N LYS A 170 -6.01 -0.45 -15.11
CA LYS A 170 -5.60 0.43 -14.01
C LYS A 170 -5.41 -0.39 -12.74
N MET A 171 -5.54 -1.70 -12.89
CA MET A 171 -5.34 -2.64 -11.80
C MET A 171 -4.21 -3.56 -12.17
N ILE A 172 -3.55 -4.14 -11.18
CA ILE A 172 -2.48 -5.08 -11.42
C ILE A 172 -2.61 -6.15 -10.32
N CYS A 173 -2.36 -7.41 -10.69
CA CYS A 173 -2.49 -8.50 -9.74
C CYS A 173 -1.20 -9.26 -9.51
N ALA A 174 -1.15 -9.95 -8.38
CA ALA A 174 0.02 -10.73 -8.02
C ALA A 174 -0.41 -11.84 -7.10
N GLY A 175 0.11 -13.04 -7.33
CA GLY A 175 -0.23 -14.16 -6.49
C GLY A 175 0.28 -15.48 -7.02
N TYR A 176 0.17 -16.51 -6.19
CA TYR A 176 0.59 -17.85 -6.56
C TYR A 176 -0.67 -18.64 -6.86
N ARG A 177 -0.71 -19.29 -8.02
CA ARG A 177 -1.86 -20.07 -8.44
C ARG A 177 -2.36 -20.91 -7.27
N GLU A 178 -1.41 -21.45 -6.52
CA GLU A 178 -1.72 -22.29 -5.37
C GLU A 178 -2.04 -21.50 -4.11
N GLY A 179 -1.84 -20.19 -4.14
CA GLY A 179 -2.11 -19.37 -2.96
C GLY A 179 -0.98 -19.42 -1.95
N GLY A 180 -1.28 -19.18 -0.69
CA GLY A 180 -0.25 -19.25 0.34
C GLY A 180 0.39 -17.93 0.74
N LYS A 181 0.61 -17.05 -0.22
CA LYS A 181 1.21 -15.74 0.07
C LYS A 181 0.35 -14.65 -0.55
N ASP A 182 0.04 -13.62 0.23
CA ASP A 182 -0.83 -12.56 -0.26
C ASP A 182 -0.96 -11.47 0.79
N ALA A 183 -1.51 -10.32 0.40
CA ALA A 183 -1.76 -9.24 1.35
C ALA A 183 -3.11 -9.58 1.95
N CYS A 184 -3.55 -8.84 2.95
CA CYS A 184 -4.83 -9.12 3.59
C CYS A 184 -5.33 -7.86 4.30
N LYS A 185 -6.47 -7.95 4.99
CA LYS A 185 -7.02 -6.80 5.69
C LYS A 185 -5.95 -6.20 6.58
N GLY A 186 -5.86 -4.88 6.58
CA GLY A 186 -4.84 -4.19 7.38
C GLY A 186 -3.64 -3.80 6.55
N ASP A 187 -3.41 -4.52 5.45
CA ASP A 187 -2.28 -4.22 4.57
C ASP A 187 -2.67 -3.20 3.52
N SER A 188 -3.96 -2.95 3.39
CA SER A 188 -4.48 -2.00 2.40
C SER A 188 -3.78 -0.64 2.42
N GLY A 189 -3.52 -0.09 1.24
CA GLY A 189 -2.86 1.20 1.16
C GLY A 189 -1.35 1.03 1.14
N GLY A 190 -0.89 -0.13 1.59
CA GLY A 190 0.54 -0.42 1.60
C GLY A 190 1.10 -0.59 0.20
N PRO A 191 2.43 -0.71 0.06
CA PRO A 191 3.02 -0.85 -1.27
C PRO A 191 3.27 -2.27 -1.78
N LEU A 192 3.37 -2.36 -3.10
CA LEU A 192 3.72 -3.57 -3.81
C LEU A 192 5.02 -3.06 -4.43
N SER A 193 6.14 -3.39 -3.80
CA SER A 193 7.44 -2.91 -4.28
C SER A 193 8.22 -3.91 -5.13
N CYS A 194 8.61 -3.47 -6.32
CA CYS A 194 9.38 -4.30 -7.23
C CYS A 194 10.74 -3.69 -7.51
N LYS A 195 11.78 -4.53 -7.39
CA LYS A 195 13.15 -4.09 -7.62
C LYS A 195 13.60 -4.52 -9.01
N HIS A 196 14.08 -3.54 -9.78
CA HIS A 196 14.56 -3.80 -11.13
C HIS A 196 15.77 -2.93 -11.40
N ASN A 197 16.88 -3.58 -11.77
CA ASN A 197 18.14 -2.89 -12.05
C ASN A 197 18.67 -2.20 -10.80
N GLU A 198 18.49 -2.84 -9.65
CA GLU A 198 18.98 -2.29 -8.39
C GLU A 198 18.19 -1.09 -7.85
N VAL A 199 17.05 -0.81 -8.47
CA VAL A 199 16.22 0.31 -8.02
C VAL A 199 14.79 -0.16 -7.76
N TRP A 200 14.23 0.30 -6.65
CA TRP A 200 12.86 -0.04 -6.27
C TRP A 200 11.87 0.95 -6.84
N HIS A 201 10.74 0.44 -7.30
CA HIS A 201 9.68 1.27 -7.85
C HIS A 201 8.36 0.85 -7.20
N LEU A 202 7.49 1.82 -6.93
CA LEU A 202 6.19 1.57 -6.33
C LEU A 202 5.23 1.15 -7.46
N VAL A 203 5.15 -0.15 -7.71
CA VAL A 203 4.32 -0.69 -8.77
C VAL A 203 2.84 -0.76 -8.46
N GLY A 204 2.50 -1.12 -7.23
CA GLY A 204 1.10 -1.20 -6.87
C GLY A 204 0.78 -0.76 -5.46
N ILE A 205 -0.52 -0.68 -5.18
CA ILE A 205 -1.03 -0.31 -3.87
C ILE A 205 -2.03 -1.36 -3.45
N THR A 206 -1.76 -2.04 -2.34
CA THR A 206 -2.66 -3.08 -1.85
C THR A 206 -4.08 -2.53 -1.82
N SER A 207 -4.97 -3.19 -2.55
CA SER A 207 -6.35 -2.74 -2.64
C SER A 207 -7.41 -3.77 -2.21
N TRP A 208 -7.48 -4.91 -2.88
CA TRP A 208 -8.48 -5.93 -2.53
C TRP A 208 -8.21 -7.33 -3.04
N GLY A 209 -9.13 -8.24 -2.76
CA GLY A 209 -9.02 -9.62 -3.19
C GLY A 209 -10.07 -10.48 -2.51
N GLU A 210 -10.42 -11.62 -3.10
CA GLU A 210 -11.41 -12.51 -2.48
C GLU A 210 -10.71 -13.29 -1.39
N GLY A 211 -10.98 -12.93 -0.14
CA GLY A 211 -10.31 -13.60 0.95
C GLY A 211 -8.84 -13.21 0.96
N CYS A 212 -7.99 -14.09 1.46
CA CYS A 212 -6.56 -13.81 1.51
C CYS A 212 -5.73 -15.06 1.26
N ALA A 213 -4.85 -14.99 0.27
CA ALA A 213 -3.97 -16.10 -0.06
C ALA A 213 -4.70 -17.36 -0.52
N GLN A 214 -5.94 -17.21 -0.95
CA GLN A 214 -6.70 -18.36 -1.42
C GLN A 214 -6.15 -18.85 -2.75
N ARG A 215 -6.42 -20.11 -3.04
CA ARG A 215 -5.99 -20.72 -4.29
C ARG A 215 -6.64 -19.96 -5.45
N GLU A 216 -5.88 -19.79 -6.54
CA GLU A 216 -6.37 -19.08 -7.73
C GLU A 216 -7.17 -17.80 -7.46
N ARG A 217 -6.69 -17.00 -6.49
CA ARG A 217 -7.31 -15.73 -6.14
C ARG A 217 -6.21 -14.70 -5.92
N PRO A 218 -5.64 -14.17 -7.00
CA PRO A 218 -4.57 -13.18 -6.96
C PRO A 218 -4.96 -11.92 -6.22
N GLY A 219 -3.99 -11.31 -5.54
CA GLY A 219 -4.27 -10.07 -4.86
C GLY A 219 -4.44 -9.02 -5.93
N VAL A 220 -5.29 -8.03 -5.69
CA VAL A 220 -5.52 -6.97 -6.67
C VAL A 220 -4.99 -5.66 -6.14
N TYR A 221 -4.16 -5.00 -6.95
CA TYR A 221 -3.54 -3.76 -6.56
C TYR A 221 -3.78 -2.64 -7.56
N THR A 222 -3.71 -1.41 -7.09
CA THR A 222 -3.87 -0.26 -7.97
C THR A 222 -2.61 -0.19 -8.83
N ASN A 223 -2.79 -0.08 -10.15
CA ASN A 223 -1.64 0.00 -11.07
C ASN A 223 -1.13 1.44 -11.05
N VAL A 224 -0.20 1.71 -10.14
CA VAL A 224 0.37 3.04 -9.94
C VAL A 224 0.84 3.79 -11.20
N VAL A 225 1.54 3.11 -12.10
CA VAL A 225 2.00 3.78 -13.32
C VAL A 225 0.86 4.49 -14.04
N GLU A 226 -0.35 3.97 -13.92
CA GLU A 226 -1.52 4.56 -14.56
C GLU A 226 -1.93 5.88 -13.92
N TYR A 227 -1.38 6.18 -12.75
CA TYR A 227 -1.75 7.40 -12.06
C TYR A 227 -0.63 8.42 -11.84
N VAL A 228 0.50 8.23 -12.50
CA VAL A 228 1.60 9.18 -12.35
C VAL A 228 1.19 10.60 -12.77
N ASP A 229 0.33 10.71 -13.79
CA ASP A 229 -0.12 12.03 -14.22
C ASP A 229 -1.05 12.61 -13.16
N TRP A 230 -1.94 11.78 -12.62
CA TRP A 230 -2.87 12.24 -11.59
C TRP A 230 -2.07 12.73 -10.37
N ILE A 231 -1.07 11.94 -9.98
CA ILE A 231 -0.23 12.28 -8.84
C ILE A 231 0.51 13.62 -9.02
N LEU A 232 1.05 13.85 -10.22
CA LEU A 232 1.77 15.08 -10.50
C LEU A 232 0.81 16.26 -10.39
N GLU A 233 -0.35 16.12 -11.02
CA GLU A 233 -1.37 17.16 -10.99
C GLU A 233 -1.85 17.50 -9.58
N LYS A 234 -2.04 16.48 -8.76
CA LYS A 234 -2.52 16.66 -7.39
C LYS A 234 -1.49 17.15 -6.37
N THR A 235 -0.22 16.86 -6.60
CA THR A 235 0.82 17.30 -5.68
C THR A 235 1.47 18.64 -6.08
N GLN A 236 1.26 19.06 -7.31
CA GLN A 236 1.81 20.34 -7.77
C GLN A 236 1.04 21.52 -7.21
N ALA A 237 1.62 22.22 -6.25
CA ALA A 237 0.94 23.36 -5.64
C ALA A 237 0.41 24.33 -6.68
S SO4 B . 9.33 -15.17 10.76
O1 SO4 B . 8.24 -14.67 11.64
O2 SO4 B . 10.43 -14.19 10.66
O3 SO4 B . 8.79 -15.48 9.43
O4 SO4 B . 9.91 -16.41 11.33
S SO4 C . -8.64 -2.72 5.30
O1 SO4 C . -9.80 -3.34 5.97
O2 SO4 C . -7.95 -1.81 6.25
O3 SO4 C . -9.09 -1.91 4.16
O4 SO4 C . -7.68 -3.75 4.86
S SO4 D . 17.43 -4.47 -1.35
O1 SO4 D . 16.55 -4.04 -0.20
O2 SO4 D . 18.79 -3.89 -1.18
O3 SO4 D . 16.95 -3.98 -2.65
O4 SO4 D . 17.48 -5.96 -1.43
C01 367 E . -8.77 -7.73 1.25
C02 367 E . -10.12 -8.02 1.60
C03 367 E . -10.86 -7.06 2.38
C04 367 E . -10.27 -5.85 2.82
C05 367 E . -8.92 -5.58 2.48
C06 367 E . -8.17 -6.51 1.69
C10 367 E . -7.98 -8.65 0.47
C11 367 E . -6.64 -8.34 0.14
C13 367 E . -6.83 -6.21 1.36
C14 367 E . -6.06 -7.12 0.59
C17 367 E . -5.83 -9.30 -0.65
N18 367 E . -4.85 -8.98 -1.41
N19 367 E . -6.02 -10.61 -0.66
N20 367 E . -10.74 -9.19 1.22
C21 367 E . -11.28 -10.25 2.03
O22 367 E . -11.83 -11.19 1.50
C27 367 E . -11.17 -10.19 3.51
C28 367 E . -9.91 -10.37 4.17
C29 367 E . -9.85 -10.26 5.58
C30 367 E . -11.03 -9.96 6.31
C31 367 E . -12.29 -9.77 5.68
C32 367 E . -12.33 -9.89 4.26
S36 367 E . -13.79 -9.39 6.55
O38 367 E . -14.13 -7.96 6.07
O42 367 E . -14.77 -10.39 6.06
O43 367 E . -13.42 -9.30 7.92
#